data_1T5Z
#
_entry.id   1T5Z
#
_cell.length_a   55.680
_cell.length_b   66.423
_cell.length_c   68.253
_cell.angle_alpha   90
_cell.angle_beta   90
_cell.angle_gamma   90
#
_symmetry.space_group_name_H-M   'P 21 21 21'
#
loop_
_entity.id
_entity.type
_entity.pdbx_description
1 polymer 'Androgen receptor'
2 polymer 'Nuclear receptor coactivator 4'
3 non-polymer 5-ALPHA-DIHYDROTESTOSTERONE
4 water water
#
loop_
_entity_poly.entity_id
_entity_poly.type
_entity_poly.pdbx_seq_one_letter_code
_entity_poly.pdbx_strand_id
1 'polypeptide(L)'
;CQPIFLNVLEAIEPGVVCAGHDNNQPDSFAALLSSLNELGERQLVHVVKWAKALPGFRNLHVDDQMAVIQYSWMGLMVFA
MGWRSFTNVNSRMLYFAPDLVFNEYRMHKSRMYSQCVRMRHLSQEFGWLQITPQEFLCMKALLLFSIIPVDGLKNQKFFD
ELRMNYIKELDRIIACKRKNPTSCSRRFYQLTKLLDSVQPIARELHQFTFDLLIKSHMVSVDFPEMMAEIISVQVPKILS
GKVKPIYFHTQ
;
A
2 'polypeptide(L)' RETSEKFKLLFQSYN B
#
loop_
_chem_comp.id
_chem_comp.type
_chem_comp.name
_chem_comp.formula
DHT non-polymer 5-ALPHA-DIHYDROTESTOSTERONE 'C19 H30 O2'
#
# COMPACT_ATOMS: atom_id res chain seq x y z
N CYS A 1 1.91 -8.13 -30.97
CA CYS A 1 0.93 -8.22 -29.84
C CYS A 1 1.06 -7.04 -28.87
N GLN A 2 -0.06 -6.65 -28.26
CA GLN A 2 -0.09 -5.53 -27.32
C GLN A 2 -0.43 -5.96 -25.90
N PRO A 3 0.21 -5.33 -24.90
CA PRO A 3 0.00 -5.64 -23.47
C PRO A 3 -1.32 -5.13 -22.92
N ILE A 4 -2.37 -5.93 -23.04
CA ILE A 4 -3.69 -5.55 -22.55
C ILE A 4 -3.66 -5.31 -21.04
N PHE A 5 -3.01 -6.19 -20.31
CA PHE A 5 -2.92 -6.08 -18.86
C PHE A 5 -2.29 -4.75 -18.41
N LEU A 6 -1.04 -4.54 -18.81
CA LEU A 6 -0.30 -3.33 -18.47
C LEU A 6 -0.94 -2.04 -18.92
N ASN A 7 -1.76 -2.14 -19.97
CA ASN A 7 -2.46 -0.97 -20.48
C ASN A 7 -3.51 -0.57 -19.47
N VAL A 8 -4.11 -1.57 -18.84
CA VAL A 8 -5.15 -1.34 -17.85
C VAL A 8 -4.58 -0.78 -16.56
N LEU A 9 -3.48 -1.37 -16.09
CA LEU A 9 -2.86 -0.92 -14.85
C LEU A 9 -2.43 0.54 -15.00
N GLU A 10 -1.79 0.82 -16.13
CA GLU A 10 -1.31 2.14 -16.48
C GLU A 10 -2.47 3.14 -16.55
N ALA A 11 -3.58 2.71 -17.12
CA ALA A 11 -4.73 3.57 -17.28
C ALA A 11 -5.44 3.90 -15.97
N ILE A 12 -5.55 2.91 -15.08
CA ILE A 12 -6.23 3.08 -13.80
C ILE A 12 -5.39 3.69 -12.69
N GLU A 13 -4.09 3.83 -12.95
CA GLU A 13 -3.20 4.40 -11.95
C GLU A 13 -3.68 5.78 -11.50
N PRO A 14 -4.04 5.91 -10.21
CA PRO A 14 -4.53 7.15 -9.61
C PRO A 14 -3.59 8.35 -9.80
N GLY A 15 -4.17 9.54 -9.87
CA GLY A 15 -3.38 10.75 -10.03
C GLY A 15 -2.82 11.25 -8.71
N VAL A 16 -2.22 12.44 -8.75
CA VAL A 16 -1.64 13.02 -7.54
C VAL A 16 -2.73 13.25 -6.48
N VAL A 17 -2.39 13.06 -5.21
CA VAL A 17 -3.34 13.27 -4.13
C VAL A 17 -2.72 14.18 -3.09
N CYS A 18 -3.41 15.24 -2.71
CA CYS A 18 -2.88 16.16 -1.71
C CYS A 18 -3.35 15.86 -0.31
N ALA A 19 -2.53 16.29 0.65
CA ALA A 19 -2.82 16.08 2.06
C ALA A 19 -3.56 17.26 2.69
N GLY A 20 -3.44 18.43 2.07
CA GLY A 20 -4.10 19.61 2.60
C GLY A 20 -3.40 20.12 3.84
N HIS A 21 -2.09 19.92 3.87
CA HIS A 21 -1.25 20.30 5.00
C HIS A 21 -0.73 21.73 4.90
N ASP A 22 -0.77 22.43 6.04
CA ASP A 22 -0.33 23.83 6.14
C ASP A 22 1.16 23.86 6.40
N ASN A 23 1.93 24.06 5.35
CA ASN A 23 3.37 24.09 5.49
C ASN A 23 3.87 25.45 5.98
N ASN A 24 2.94 26.34 6.28
CA ASN A 24 3.31 27.66 6.76
C ASN A 24 3.43 27.66 8.29
N GLN A 25 2.83 26.65 8.91
CA GLN A 25 2.90 26.50 10.36
C GLN A 25 4.13 25.68 10.72
N PRO A 26 4.75 25.96 11.89
CA PRO A 26 5.94 25.22 12.33
C PRO A 26 5.51 23.77 12.56
N ASP A 27 6.40 22.83 12.27
CA ASP A 27 6.08 21.41 12.44
C ASP A 27 5.73 21.00 13.87
N SER A 28 4.84 20.02 13.98
CA SER A 28 4.46 19.52 15.27
C SER A 28 3.91 18.13 15.05
N PHE A 29 4.00 17.29 16.08
CA PHE A 29 3.51 15.94 15.96
C PHE A 29 2.01 15.91 15.64
N ALA A 30 1.21 16.58 16.46
CA ALA A 30 -0.23 16.58 16.24
C ALA A 30 -0.57 16.90 14.78
N ALA A 31 -0.12 18.06 14.30
CA ALA A 31 -0.40 18.48 12.92
C ALA A 31 0.11 17.53 11.83
N LEU A 32 1.32 16.97 12.00
CA LEU A 32 1.85 16.05 11.00
C LEU A 32 1.01 14.78 10.89
N LEU A 33 0.78 14.13 12.02
CA LEU A 33 -0.01 12.89 12.01
C LEU A 33 -1.44 13.15 11.56
N SER A 34 -2.07 14.19 12.12
CA SER A 34 -3.44 14.53 11.75
C SER A 34 -3.55 14.72 10.23
N SER A 35 -2.48 15.19 9.60
CA SER A 35 -2.44 15.40 8.17
C SER A 35 -2.22 14.07 7.44
N LEU A 36 -1.41 13.20 8.05
CA LEU A 36 -1.17 11.91 7.43
C LEU A 36 -2.47 11.12 7.48
N ASN A 37 -3.27 11.31 8.54
CA ASN A 37 -4.53 10.58 8.63
C ASN A 37 -5.52 11.08 7.59
N GLU A 38 -5.46 12.37 7.32
CA GLU A 38 -6.35 12.96 6.33
C GLU A 38 -5.90 12.45 4.97
N LEU A 39 -4.58 12.43 4.76
CA LEU A 39 -4.02 11.93 3.52
C LEU A 39 -4.46 10.49 3.32
N GLY A 40 -4.38 9.69 4.39
CA GLY A 40 -4.79 8.30 4.29
C GLY A 40 -6.23 8.17 3.82
N GLU A 41 -7.11 8.97 4.40
CA GLU A 41 -8.53 8.98 4.08
C GLU A 41 -8.72 9.23 2.59
N ARG A 42 -8.11 10.31 2.12
CA ARG A 42 -8.20 10.70 0.72
C ARG A 42 -7.71 9.60 -0.20
N GLN A 43 -6.52 9.08 0.09
CA GLN A 43 -5.96 8.02 -0.73
C GLN A 43 -6.81 6.77 -0.73
N LEU A 44 -7.51 6.52 0.37
CA LEU A 44 -8.35 5.35 0.46
C LEU A 44 -9.38 5.39 -0.66
N VAL A 45 -9.97 6.56 -0.86
CA VAL A 45 -10.98 6.75 -1.90
C VAL A 45 -10.42 6.28 -3.25
N HIS A 46 -9.23 6.78 -3.59
CA HIS A 46 -8.58 6.40 -4.85
C HIS A 46 -8.19 4.94 -4.92
N VAL A 47 -7.87 4.35 -3.77
CA VAL A 47 -7.51 2.95 -3.72
C VAL A 47 -8.73 2.09 -4.02
N VAL A 48 -9.91 2.56 -3.62
CA VAL A 48 -11.15 1.82 -3.87
C VAL A 48 -11.47 1.85 -5.35
N LYS A 49 -11.45 3.05 -5.92
CA LYS A 49 -11.73 3.26 -7.32
C LYS A 49 -10.72 2.52 -8.18
N TRP A 50 -9.45 2.55 -7.77
CA TRP A 50 -8.38 1.86 -8.48
C TRP A 50 -8.65 0.36 -8.53
N ALA A 51 -8.90 -0.22 -7.36
CA ALA A 51 -9.16 -1.66 -7.22
C ALA A 51 -10.41 -2.15 -7.94
N LYS A 52 -11.51 -1.40 -7.81
CA LYS A 52 -12.75 -1.78 -8.47
C LYS A 52 -12.55 -1.88 -9.97
N ALA A 53 -11.51 -1.22 -10.47
CA ALA A 53 -11.24 -1.20 -11.90
C ALA A 53 -10.13 -2.16 -12.32
N LEU A 54 -9.67 -2.96 -11.38
CA LEU A 54 -8.63 -3.94 -11.67
C LEU A 54 -9.18 -5.14 -12.42
N PRO A 55 -8.37 -5.76 -13.28
CA PRO A 55 -8.80 -6.92 -14.03
C PRO A 55 -9.29 -8.07 -13.13
N GLY A 56 -10.48 -8.60 -13.44
CA GLY A 56 -11.05 -9.70 -12.69
C GLY A 56 -11.32 -9.45 -11.22
N PHE A 57 -11.24 -8.20 -10.80
CA PHE A 57 -11.47 -7.89 -9.41
C PHE A 57 -12.92 -8.08 -8.99
N ARG A 58 -13.85 -7.79 -9.92
CA ARG A 58 -15.28 -7.90 -9.64
C ARG A 58 -15.76 -9.34 -9.52
N ASN A 59 -14.89 -10.28 -9.89
CA ASN A 59 -15.24 -11.68 -9.77
C ASN A 59 -15.16 -12.14 -8.33
N LEU A 60 -14.49 -11.35 -7.50
CA LEU A 60 -14.38 -11.71 -6.08
C LEU A 60 -15.70 -11.42 -5.43
N HIS A 61 -16.00 -12.16 -4.38
CA HIS A 61 -17.25 -11.95 -3.65
C HIS A 61 -17.24 -10.52 -3.14
N VAL A 62 -18.37 -9.83 -3.27
CA VAL A 62 -18.45 -8.44 -2.81
C VAL A 62 -17.83 -8.21 -1.42
N ASP A 63 -18.02 -9.15 -0.51
CA ASP A 63 -17.48 -9.01 0.84
C ASP A 63 -15.96 -9.11 0.89
N ASP A 64 -15.40 -10.00 0.07
CA ASP A 64 -13.96 -10.20 -0.02
C ASP A 64 -13.34 -9.00 -0.73
N GLN A 65 -14.14 -8.36 -1.57
CA GLN A 65 -13.66 -7.20 -2.27
C GLN A 65 -13.34 -6.11 -1.26
N MET A 66 -14.24 -5.90 -0.31
CA MET A 66 -14.04 -4.88 0.71
C MET A 66 -13.00 -5.31 1.73
N ALA A 67 -12.88 -6.62 1.93
CA ALA A 67 -11.93 -7.14 2.90
C ALA A 67 -10.46 -6.91 2.51
N VAL A 68 -10.04 -7.43 1.36
CA VAL A 68 -8.64 -7.27 0.92
C VAL A 68 -8.20 -5.81 0.87
N ILE A 69 -9.17 -4.92 0.70
CA ILE A 69 -8.85 -3.51 0.67
C ILE A 69 -8.58 -3.01 2.07
N GLN A 70 -9.41 -3.41 3.02
CA GLN A 70 -9.23 -2.97 4.39
C GLN A 70 -8.01 -3.59 5.07
N TYR A 71 -7.50 -4.69 4.52
CA TYR A 71 -6.33 -5.31 5.10
C TYR A 71 -5.04 -4.84 4.46
N SER A 72 -5.04 -4.61 3.16
CA SER A 72 -3.78 -4.21 2.56
C SER A 72 -3.57 -2.75 2.22
N TRP A 73 -4.58 -1.91 2.46
CA TRP A 73 -4.41 -0.50 2.13
C TRP A 73 -3.06 0.06 2.55
N MET A 74 -2.64 -0.24 3.77
CA MET A 74 -1.36 0.23 4.28
C MET A 74 -0.20 -0.12 3.34
N GLY A 75 0.02 -1.41 3.12
CA GLY A 75 1.09 -1.85 2.25
C GLY A 75 1.02 -1.27 0.86
N LEU A 76 -0.19 -1.06 0.36
CA LEU A 76 -0.34 -0.47 -0.96
C LEU A 76 0.12 0.99 -0.92
N MET A 77 -0.39 1.76 0.03
CA MET A 77 -0.04 3.17 0.17
C MET A 77 1.45 3.40 0.48
N VAL A 78 2.04 2.48 1.22
CA VAL A 78 3.44 2.62 1.57
C VAL A 78 4.29 2.31 0.34
N PHE A 79 3.87 1.32 -0.43
CA PHE A 79 4.60 0.94 -1.63
C PHE A 79 4.52 2.05 -2.69
N ALA A 80 3.33 2.60 -2.85
CA ALA A 80 3.09 3.68 -3.81
C ALA A 80 3.85 4.94 -3.45
N MET A 81 3.97 5.16 -2.14
CA MET A 81 4.66 6.34 -1.60
C MET A 81 6.18 6.17 -1.75
N GLY A 82 6.66 4.94 -1.57
CA GLY A 82 8.08 4.69 -1.72
C GLY A 82 8.49 4.95 -3.16
N TRP A 83 7.55 4.74 -4.09
CA TRP A 83 7.81 4.96 -5.51
C TRP A 83 7.76 6.45 -5.85
N ARG A 84 6.81 7.20 -5.29
CA ARG A 84 6.77 8.63 -5.56
C ARG A 84 8.07 9.23 -5.03
N SER A 85 8.55 8.74 -3.90
CA SER A 85 9.77 9.26 -3.32
C SER A 85 10.99 9.04 -4.20
N PHE A 86 11.00 7.92 -4.92
CA PHE A 86 12.14 7.62 -5.78
C PHE A 86 12.11 8.40 -7.09
N THR A 87 10.92 8.52 -7.66
CA THR A 87 10.78 9.22 -8.93
C THR A 87 10.69 10.74 -8.78
N ASN A 88 10.25 11.23 -7.63
CA ASN A 88 10.15 12.67 -7.48
C ASN A 88 11.36 13.32 -6.85
N VAL A 89 11.90 12.70 -5.81
CA VAL A 89 13.04 13.28 -5.13
C VAL A 89 14.21 12.33 -4.96
N ASN A 90 14.26 11.31 -5.81
CA ASN A 90 15.33 10.33 -5.76
C ASN A 90 15.62 9.81 -4.37
N SER A 91 14.56 9.50 -3.63
CA SER A 91 14.69 8.96 -2.28
C SER A 91 15.36 9.87 -1.24
N ARG A 92 15.54 11.14 -1.56
CA ARG A 92 16.17 12.06 -0.62
C ARG A 92 15.21 12.31 0.55
N MET A 93 13.92 12.15 0.29
CA MET A 93 12.91 12.36 1.32
C MET A 93 11.71 11.47 1.08
N LEU A 94 10.76 11.52 2.01
CA LEU A 94 9.56 10.73 1.89
C LEU A 94 8.47 11.60 1.31
N TYR A 95 8.17 11.35 0.04
CA TYR A 95 7.16 12.11 -0.69
C TYR A 95 5.79 11.48 -0.46
N PHE A 96 5.15 11.87 0.63
CA PHE A 96 3.83 11.35 0.97
C PHE A 96 2.85 12.03 0.04
N ALA A 97 3.00 13.34 -0.07
CA ALA A 97 2.16 14.11 -0.96
C ALA A 97 3.00 15.32 -1.33
N PRO A 98 2.66 15.97 -2.44
CA PRO A 98 3.42 17.14 -2.87
C PRO A 98 3.46 18.19 -1.77
N ASP A 99 2.36 18.27 -1.01
CA ASP A 99 2.27 19.24 0.07
C ASP A 99 2.58 18.60 1.41
N LEU A 100 3.25 17.45 1.40
CA LEU A 100 3.62 16.79 2.64
C LEU A 100 4.82 15.90 2.41
N VAL A 101 5.99 16.52 2.32
CA VAL A 101 7.22 15.80 2.10
C VAL A 101 8.06 15.79 3.38
N PHE A 102 8.52 14.60 3.81
CA PHE A 102 9.30 14.44 5.05
C PHE A 102 10.81 14.37 4.93
N ASN A 103 11.50 15.23 5.69
CA ASN A 103 12.97 15.22 5.78
C ASN A 103 13.23 14.54 7.12
N GLU A 104 14.48 14.13 7.38
CA GLU A 104 14.82 13.48 8.66
C GLU A 104 14.19 14.18 9.84
N TYR A 105 14.25 15.52 9.83
CA TYR A 105 13.68 16.30 10.92
C TYR A 105 12.21 15.95 11.13
N ARG A 106 11.45 15.89 10.04
CA ARG A 106 10.05 15.55 10.15
C ARG A 106 9.82 14.10 10.51
N MET A 107 10.71 13.22 10.03
CA MET A 107 10.60 11.80 10.34
C MET A 107 10.69 11.67 11.85
N HIS A 108 11.60 12.42 12.44
CA HIS A 108 11.76 12.39 13.87
C HIS A 108 10.53 12.91 14.60
N LYS A 109 10.11 14.13 14.28
CA LYS A 109 8.96 14.73 14.93
C LYS A 109 7.67 13.91 14.85
N SER A 110 7.57 13.05 13.85
CA SER A 110 6.40 12.19 13.63
C SER A 110 6.37 11.04 14.61
N ARG A 111 7.45 10.90 15.37
CA ARG A 111 7.62 9.85 16.37
C ARG A 111 7.61 8.45 15.77
N MET A 112 7.94 8.35 14.48
CA MET A 112 8.00 7.05 13.81
C MET A 112 9.18 7.05 12.85
N TYR A 113 10.28 7.66 13.31
CA TYR A 113 11.54 7.80 12.59
C TYR A 113 12.07 6.48 12.07
N SER A 114 12.12 5.46 12.92
CA SER A 114 12.66 4.17 12.47
C SER A 114 11.86 3.62 11.31
N GLN A 115 10.53 3.67 11.43
CA GLN A 115 9.65 3.18 10.39
C GLN A 115 9.92 3.96 9.11
N CYS A 116 10.05 5.29 9.23
CA CYS A 116 10.32 6.14 8.10
C CYS A 116 11.62 5.80 7.39
N VAL A 117 12.67 5.48 8.15
CA VAL A 117 13.94 5.15 7.52
C VAL A 117 13.75 3.85 6.77
N ARG A 118 12.88 3.01 7.31
CA ARG A 118 12.58 1.74 6.71
C ARG A 118 12.02 2.04 5.31
N MET A 119 11.09 2.98 5.25
CA MET A 119 10.44 3.36 3.99
C MET A 119 11.36 4.07 3.02
N ARG A 120 12.41 4.68 3.55
CA ARG A 120 13.38 5.38 2.72
C ARG A 120 14.24 4.31 2.06
N HIS A 121 14.55 3.27 2.82
CA HIS A 121 15.35 2.18 2.29
C HIS A 121 14.56 1.51 1.18
N LEU A 122 13.25 1.41 1.38
CA LEU A 122 12.34 0.80 0.40
C LEU A 122 12.33 1.63 -0.86
N SER A 123 12.35 2.94 -0.68
CA SER A 123 12.36 3.90 -1.77
C SER A 123 13.63 3.73 -2.59
N GLN A 124 14.75 3.56 -1.89
CA GLN A 124 16.03 3.39 -2.54
C GLN A 124 16.09 2.08 -3.32
N GLU A 125 15.30 1.11 -2.89
CA GLU A 125 15.25 -0.21 -3.52
C GLU A 125 14.82 -0.10 -4.99
N PHE A 126 13.90 0.81 -5.25
CA PHE A 126 13.42 1.02 -6.60
C PHE A 126 14.59 1.44 -7.47
N GLY A 127 15.57 2.08 -6.84
CA GLY A 127 16.74 2.52 -7.56
C GLY A 127 17.74 1.40 -7.74
N TRP A 128 18.27 0.90 -6.65
CA TRP A 128 19.26 -0.17 -6.69
C TRP A 128 18.79 -1.38 -7.50
N LEU A 129 17.50 -1.69 -7.39
CA LEU A 129 16.93 -2.82 -8.11
C LEU A 129 16.49 -2.46 -9.53
N GLN A 130 16.55 -1.17 -9.87
CA GLN A 130 16.14 -0.72 -11.19
C GLN A 130 14.76 -1.27 -11.51
N ILE A 131 13.78 -0.87 -10.70
CA ILE A 131 12.41 -1.30 -10.87
C ILE A 131 11.75 -0.47 -11.97
N THR A 132 11.40 -1.10 -13.09
CA THR A 132 10.77 -0.37 -14.20
C THR A 132 9.36 0.05 -13.80
N PRO A 133 8.81 1.09 -14.45
CA PRO A 133 7.47 1.63 -14.18
C PRO A 133 6.39 0.58 -14.29
N GLN A 134 6.66 -0.41 -15.14
CA GLN A 134 5.73 -1.51 -15.38
C GLN A 134 5.79 -2.54 -14.29
N GLU A 135 7.02 -2.84 -13.83
CA GLU A 135 7.18 -3.82 -12.76
C GLU A 135 6.51 -3.26 -11.51
N PHE A 136 6.64 -1.95 -11.31
CA PHE A 136 6.04 -1.30 -10.15
C PHE A 136 4.52 -1.50 -10.18
N LEU A 137 3.89 -1.11 -11.28
CA LEU A 137 2.45 -1.24 -11.38
C LEU A 137 1.94 -2.63 -11.03
N CYS A 138 2.56 -3.65 -11.61
CA CYS A 138 2.16 -5.03 -11.36
C CYS A 138 2.40 -5.43 -9.89
N MET A 139 3.54 -4.99 -9.33
CA MET A 139 3.86 -5.28 -7.94
C MET A 139 2.80 -4.68 -7.04
N LYS A 140 2.41 -3.43 -7.31
CA LYS A 140 1.40 -2.83 -6.46
C LYS A 140 0.09 -3.60 -6.55
N ALA A 141 -0.36 -3.93 -7.75
CA ALA A 141 -1.60 -4.66 -7.88
C ALA A 141 -1.56 -5.94 -7.05
N LEU A 142 -0.41 -6.60 -7.05
CA LEU A 142 -0.24 -7.84 -6.31
C LEU A 142 -0.42 -7.69 -4.78
N LEU A 143 0.05 -6.58 -4.23
CA LEU A 143 -0.05 -6.31 -2.79
C LEU A 143 -1.49 -6.26 -2.28
N LEU A 144 -2.44 -6.16 -3.20
CA LEU A 144 -3.83 -6.12 -2.79
C LEU A 144 -4.27 -7.55 -2.50
N PHE A 145 -3.55 -8.50 -3.07
CA PHE A 145 -3.85 -9.93 -2.90
C PHE A 145 -2.76 -10.62 -2.10
N SER A 146 -2.20 -9.88 -1.14
CA SER A 146 -1.11 -10.39 -0.30
C SER A 146 -1.40 -10.56 1.18
N ILE A 147 -2.61 -10.26 1.64
CA ILE A 147 -2.92 -10.44 3.04
C ILE A 147 -4.32 -11.01 3.29
N ILE A 148 -4.37 -12.29 3.65
CA ILE A 148 -5.62 -13.01 3.87
C ILE A 148 -5.89 -13.46 5.31
N PRO A 149 -7.19 -13.54 5.68
CA PRO A 149 -7.58 -13.97 7.02
C PRO A 149 -7.41 -15.47 7.17
N VAL A 150 -6.90 -15.90 8.32
CA VAL A 150 -6.68 -17.31 8.60
C VAL A 150 -7.96 -18.16 8.44
N ASP A 151 -9.11 -17.59 8.82
CA ASP A 151 -10.38 -18.31 8.70
C ASP A 151 -10.81 -18.42 7.23
N GLY A 152 -9.99 -17.86 6.35
CA GLY A 152 -10.30 -17.91 4.93
C GLY A 152 -11.32 -16.85 4.51
N LEU A 153 -11.37 -16.60 3.20
CA LEU A 153 -12.29 -15.61 2.64
C LEU A 153 -13.66 -16.22 2.35
N LYS A 154 -14.64 -15.37 2.07
CA LYS A 154 -15.99 -15.83 1.77
C LYS A 154 -15.87 -16.86 0.65
N ASN A 155 -15.09 -16.50 -0.37
CA ASN A 155 -14.85 -17.38 -1.52
C ASN A 155 -13.35 -17.41 -1.77
N GLN A 156 -12.66 -18.18 -0.94
CA GLN A 156 -11.21 -18.29 -1.03
C GLN A 156 -10.71 -18.80 -2.39
N LYS A 157 -11.53 -19.57 -3.10
CA LYS A 157 -11.11 -20.10 -4.40
C LYS A 157 -10.87 -19.02 -5.43
N PHE A 158 -11.81 -18.07 -5.55
CA PHE A 158 -11.69 -16.98 -6.51
C PHE A 158 -10.41 -16.18 -6.31
N PHE A 159 -10.18 -15.80 -5.05
CA PHE A 159 -9.01 -15.03 -4.68
C PHE A 159 -7.73 -15.73 -5.12
N ASP A 160 -7.61 -17.01 -4.77
CA ASP A 160 -6.43 -17.78 -5.15
C ASP A 160 -6.22 -17.71 -6.67
N GLU A 161 -7.31 -17.89 -7.43
CA GLU A 161 -7.26 -17.84 -8.89
C GLU A 161 -6.78 -16.48 -9.40
N LEU A 162 -7.41 -15.42 -8.90
CA LEU A 162 -7.07 -14.06 -9.29
C LEU A 162 -5.60 -13.76 -8.99
N ARG A 163 -5.22 -13.97 -7.74
CA ARG A 163 -3.85 -13.75 -7.29
C ARG A 163 -2.89 -14.47 -8.22
N MET A 164 -3.22 -15.72 -8.54
CA MET A 164 -2.39 -16.52 -9.41
C MET A 164 -2.16 -15.86 -10.76
N ASN A 165 -3.23 -15.33 -11.32
CA ASN A 165 -3.15 -14.67 -12.61
C ASN A 165 -2.22 -13.46 -12.58
N TYR A 166 -2.28 -12.68 -11.51
CA TYR A 166 -1.42 -11.51 -11.41
C TYR A 166 0.03 -11.92 -11.30
N ILE A 167 0.29 -13.08 -10.72
CA ILE A 167 1.67 -13.56 -10.61
C ILE A 167 2.10 -14.01 -12.00
N LYS A 168 1.14 -14.54 -12.76
CA LYS A 168 1.39 -14.98 -14.12
C LYS A 168 1.76 -13.76 -14.97
N GLU A 169 1.06 -12.65 -14.78
CA GLU A 169 1.35 -11.44 -15.53
C GLU A 169 2.73 -10.87 -15.17
N LEU A 170 3.11 -11.01 -13.91
CA LEU A 170 4.40 -10.52 -13.44
C LEU A 170 5.52 -11.36 -14.05
N ASP A 171 5.20 -12.61 -14.39
CA ASP A 171 6.18 -13.48 -15.02
C ASP A 171 6.35 -13.03 -16.44
N ARG A 172 5.29 -12.54 -17.04
CA ARG A 172 5.35 -12.08 -18.42
C ARG A 172 6.18 -10.82 -18.51
N ILE A 173 5.96 -9.89 -17.57
CA ILE A 173 6.70 -8.65 -17.55
C ILE A 173 8.20 -8.90 -17.47
N ILE A 174 8.58 -9.83 -16.62
CA ILE A 174 9.97 -10.20 -16.42
C ILE A 174 10.51 -10.96 -17.62
N ALA A 175 9.66 -11.78 -18.22
CA ALA A 175 10.03 -12.58 -19.38
C ALA A 175 10.33 -11.71 -20.59
N CYS A 176 9.70 -10.55 -20.63
CA CYS A 176 9.88 -9.61 -21.73
C CYS A 176 11.28 -9.02 -21.74
N LYS A 177 11.96 -9.15 -22.88
CA LYS A 177 13.32 -8.65 -23.06
C LYS A 177 14.38 -9.54 -22.40
N ARG A 178 13.91 -10.56 -21.68
CA ARG A 178 14.81 -11.51 -21.03
C ARG A 178 14.57 -12.85 -21.70
N LYS A 179 15.62 -13.39 -22.30
CA LYS A 179 15.54 -14.66 -23.01
C LYS A 179 16.02 -15.85 -22.18
N ASN A 180 16.88 -15.57 -21.20
CA ASN A 180 17.41 -16.63 -20.33
C ASN A 180 16.51 -16.82 -19.10
N PRO A 181 16.09 -18.06 -18.83
CA PRO A 181 15.23 -18.38 -17.69
C PRO A 181 15.90 -18.18 -16.33
N THR A 182 17.22 -18.14 -16.32
CA THR A 182 17.99 -17.94 -15.09
C THR A 182 17.85 -16.49 -14.63
N SER A 183 17.97 -15.55 -15.57
CA SER A 183 17.84 -14.13 -15.24
C SER A 183 16.37 -13.87 -14.92
N CYS A 184 15.47 -14.65 -15.50
CA CYS A 184 14.06 -14.49 -15.22
C CYS A 184 13.82 -14.90 -13.77
N SER A 185 14.40 -16.04 -13.38
CA SER A 185 14.26 -16.54 -12.01
C SER A 185 14.92 -15.58 -11.02
N ARG A 186 16.12 -15.14 -11.36
CA ARG A 186 16.90 -14.23 -10.55
C ARG A 186 16.16 -12.91 -10.30
N ARG A 187 15.38 -12.49 -11.28
CA ARG A 187 14.61 -11.26 -11.18
C ARG A 187 13.38 -11.46 -10.31
N PHE A 188 12.75 -12.61 -10.44
CA PHE A 188 11.55 -12.91 -9.66
C PHE A 188 11.95 -12.97 -8.18
N TYR A 189 13.15 -13.48 -7.93
CA TYR A 189 13.67 -13.57 -6.57
C TYR A 189 13.65 -12.18 -5.96
N GLN A 190 14.32 -11.25 -6.62
CA GLN A 190 14.43 -9.85 -6.19
C GLN A 190 13.12 -9.13 -5.96
N LEU A 191 12.15 -9.34 -6.86
CA LEU A 191 10.88 -8.65 -6.74
C LEU A 191 10.02 -9.19 -5.63
N THR A 192 10.06 -10.50 -5.47
CA THR A 192 9.29 -11.15 -4.41
C THR A 192 9.87 -10.75 -3.06
N LYS A 193 11.20 -10.69 -3.00
CA LYS A 193 11.90 -10.29 -1.80
C LYS A 193 11.52 -8.84 -1.46
N LEU A 194 11.48 -7.99 -2.47
CA LEU A 194 11.13 -6.59 -2.25
C LEU A 194 9.68 -6.49 -1.76
N LEU A 195 8.80 -7.28 -2.36
CA LEU A 195 7.39 -7.30 -2.00
C LEU A 195 7.13 -7.80 -0.58
N ASP A 196 8.05 -8.60 -0.06
CA ASP A 196 7.92 -9.14 1.29
C ASP A 196 8.31 -8.11 2.33
N SER A 197 9.40 -7.40 2.05
CA SER A 197 9.93 -6.37 2.94
C SER A 197 8.89 -5.27 3.19
N VAL A 198 7.83 -5.29 2.41
CA VAL A 198 6.79 -4.30 2.59
C VAL A 198 5.92 -4.68 3.78
N GLN A 199 5.76 -5.97 4.01
CA GLN A 199 4.89 -6.41 5.09
C GLN A 199 5.35 -6.04 6.50
N PRO A 200 6.64 -6.22 6.82
CA PRO A 200 7.17 -5.88 8.14
C PRO A 200 6.92 -4.40 8.44
N ILE A 201 7.12 -3.59 7.40
CA ILE A 201 6.93 -2.15 7.52
C ILE A 201 5.46 -1.85 7.81
N ALA A 202 4.57 -2.47 7.02
CA ALA A 202 3.14 -2.30 7.18
C ALA A 202 2.72 -2.66 8.60
N ARG A 203 3.30 -3.75 9.10
CA ARG A 203 3.03 -4.24 10.46
C ARG A 203 3.39 -3.15 11.47
N GLU A 204 4.63 -2.67 11.43
CA GLU A 204 5.05 -1.63 12.35
C GLU A 204 4.13 -0.42 12.27
N LEU A 205 3.76 -0.02 11.07
CA LEU A 205 2.88 1.13 10.88
C LEU A 205 1.48 0.84 11.40
N HIS A 206 1.07 -0.42 11.28
CA HIS A 206 -0.23 -0.84 11.74
C HIS A 206 -0.28 -0.68 13.24
N GLN A 207 0.76 -1.21 13.90
CA GLN A 207 0.86 -1.14 15.34
C GLN A 207 0.93 0.30 15.82
N PHE A 208 1.76 1.10 15.16
CA PHE A 208 1.93 2.50 15.52
C PHE A 208 0.64 3.29 15.38
N THR A 209 -0.06 3.11 14.28
CA THR A 209 -1.30 3.85 14.08
C THR A 209 -2.34 3.40 15.11
N PHE A 210 -2.36 2.09 15.37
CA PHE A 210 -3.31 1.54 16.31
C PHE A 210 -3.22 2.21 17.69
N ASP A 211 -2.00 2.33 18.20
CA ASP A 211 -1.81 2.94 19.51
C ASP A 211 -2.19 4.41 19.45
N LEU A 212 -1.77 5.07 18.38
CA LEU A 212 -2.08 6.46 18.18
C LEU A 212 -3.60 6.70 18.28
N LEU A 213 -4.39 5.82 17.67
CA LEU A 213 -5.83 5.97 17.73
C LEU A 213 -6.35 5.97 19.15
N ILE A 214 -5.87 5.01 19.93
CA ILE A 214 -6.28 4.85 21.32
C ILE A 214 -5.99 6.03 22.24
N LYS A 215 -4.91 6.74 21.96
CA LYS A 215 -4.52 7.89 22.78
C LYS A 215 -4.65 9.19 21.99
N SER A 216 -5.32 9.13 20.85
CA SER A 216 -5.50 10.28 19.98
C SER A 216 -6.08 11.50 20.69
N HIS A 217 -7.10 11.27 21.51
CA HIS A 217 -7.77 12.32 22.26
C HIS A 217 -6.85 13.00 23.27
N MET A 218 -5.75 12.33 23.61
CA MET A 218 -4.80 12.83 24.58
C MET A 218 -3.67 13.63 23.93
N VAL A 219 -3.31 13.26 22.70
CA VAL A 219 -2.23 13.94 21.98
C VAL A 219 -2.73 14.88 20.92
N SER A 220 -4.05 15.08 20.87
CA SER A 220 -4.66 16.01 19.90
C SER A 220 -4.47 15.60 18.43
N VAL A 221 -4.60 14.31 18.14
CA VAL A 221 -4.46 13.80 16.78
C VAL A 221 -5.82 13.42 16.21
N ASP A 222 -6.20 14.04 15.10
CA ASP A 222 -7.49 13.78 14.48
C ASP A 222 -7.50 12.61 13.51
N PHE A 223 -8.47 11.71 13.69
CA PHE A 223 -8.61 10.56 12.80
C PHE A 223 -9.89 10.70 12.00
N PRO A 224 -9.80 10.70 10.66
CA PRO A 224 -10.98 10.81 9.82
C PRO A 224 -11.93 9.63 10.11
N GLU A 225 -13.21 9.79 9.78
CA GLU A 225 -14.19 8.75 10.01
C GLU A 225 -13.77 7.34 9.63
N MET A 226 -13.69 7.09 8.33
CA MET A 226 -13.31 5.75 7.88
C MET A 226 -12.03 5.26 8.53
N MET A 227 -11.02 6.12 8.54
CA MET A 227 -9.74 5.75 9.12
C MET A 227 -9.90 5.13 10.51
N ALA A 228 -10.57 5.83 11.41
CA ALA A 228 -10.78 5.34 12.76
C ALA A 228 -11.48 3.98 12.73
N GLU A 229 -12.50 3.90 11.91
CA GLU A 229 -13.30 2.68 11.76
C GLU A 229 -12.46 1.48 11.32
N ILE A 230 -11.69 1.66 10.25
CA ILE A 230 -10.86 0.60 9.73
C ILE A 230 -9.80 0.15 10.72
N ILE A 231 -9.14 1.14 11.33
CA ILE A 231 -8.07 0.87 12.27
C ILE A 231 -8.57 0.23 13.56
N SER A 232 -9.83 0.44 13.90
CA SER A 232 -10.35 -0.13 15.13
C SER A 232 -11.06 -1.46 14.90
N VAL A 233 -11.51 -1.70 13.66
CA VAL A 233 -12.21 -2.94 13.35
C VAL A 233 -11.41 -3.91 12.49
N GLN A 234 -10.60 -3.42 11.57
CA GLN A 234 -9.84 -4.30 10.69
C GLN A 234 -8.39 -4.49 11.12
N VAL A 235 -7.70 -3.39 11.37
CA VAL A 235 -6.31 -3.42 11.79
C VAL A 235 -6.05 -4.35 12.99
N PRO A 236 -6.87 -4.24 14.04
CA PRO A 236 -6.67 -5.11 15.22
C PRO A 236 -6.60 -6.60 14.87
N LYS A 237 -7.34 -6.99 13.84
CA LYS A 237 -7.40 -8.38 13.38
C LYS A 237 -6.07 -8.81 12.83
N ILE A 238 -5.37 -7.87 12.21
CA ILE A 238 -4.08 -8.17 11.64
C ILE A 238 -3.07 -8.28 12.77
N LEU A 239 -3.13 -7.32 13.68
CA LEU A 239 -2.25 -7.25 14.82
C LEU A 239 -2.45 -8.44 15.77
N SER A 240 -3.67 -8.97 15.84
CA SER A 240 -3.94 -10.10 16.73
C SER A 240 -3.68 -11.47 16.08
N GLY A 241 -3.14 -11.45 14.86
CA GLY A 241 -2.81 -12.69 14.17
C GLY A 241 -3.92 -13.37 13.40
N LYS A 242 -5.14 -12.85 13.49
CA LYS A 242 -6.29 -13.44 12.79
C LYS A 242 -6.16 -13.26 11.27
N VAL A 243 -5.47 -12.22 10.86
CA VAL A 243 -5.25 -11.96 9.44
C VAL A 243 -3.75 -11.93 9.19
N LYS A 244 -3.28 -12.69 8.20
CA LYS A 244 -1.85 -12.73 7.92
C LYS A 244 -1.40 -12.50 6.48
N PRO A 245 -0.19 -11.92 6.32
CA PRO A 245 0.38 -11.64 5.01
C PRO A 245 0.80 -12.95 4.33
N ILE A 246 0.93 -12.93 3.01
CA ILE A 246 1.37 -14.12 2.31
C ILE A 246 2.81 -13.84 1.85
N TYR A 247 3.79 -14.40 2.54
CA TYR A 247 5.18 -14.17 2.13
C TYR A 247 5.55 -15.18 1.05
N PHE A 248 6.51 -14.82 0.20
CA PHE A 248 6.97 -15.73 -0.85
C PHE A 248 8.13 -16.51 -0.26
N HIS A 249 8.82 -15.90 0.68
CA HIS A 249 9.98 -16.52 1.30
C HIS A 249 9.71 -16.70 2.77
N THR A 250 10.66 -17.31 3.48
CA THR A 250 10.48 -17.53 4.91
C THR A 250 11.46 -16.70 5.72
N SER B 4 -17.52 -2.51 10.13
CA SER B 4 -17.45 -1.77 8.88
C SER B 4 -18.84 -1.36 8.38
N GLU B 5 -19.03 -0.05 8.22
CA GLU B 5 -20.30 0.49 7.76
C GLU B 5 -20.12 1.71 6.89
N LYS B 6 -19.03 2.43 7.12
CA LYS B 6 -18.75 3.63 6.34
C LYS B 6 -18.00 3.27 5.06
N PHE B 7 -16.98 2.44 5.20
CA PHE B 7 -16.21 1.99 4.05
C PHE B 7 -17.15 1.33 3.06
N LYS B 8 -18.18 0.65 3.58
CA LYS B 8 -19.16 -0.05 2.77
C LYS B 8 -19.89 0.87 1.82
N LEU B 9 -20.31 2.03 2.32
CA LEU B 9 -21.03 3.00 1.51
C LEU B 9 -20.11 3.63 0.47
N LEU B 10 -18.84 3.78 0.83
CA LEU B 10 -17.86 4.36 -0.09
C LEU B 10 -17.67 3.34 -1.20
N PHE B 11 -17.45 2.10 -0.80
CA PHE B 11 -17.25 1.00 -1.74
C PHE B 11 -18.44 0.89 -2.69
N GLN B 12 -19.65 0.96 -2.14
CA GLN B 12 -20.88 0.85 -2.93
C GLN B 12 -21.01 1.91 -4.02
N SER B 13 -20.74 3.15 -3.68
CA SER B 13 -20.83 4.24 -4.67
C SER B 13 -19.48 4.52 -5.32
N TYR B 14 -18.71 3.46 -5.54
CA TYR B 14 -17.39 3.58 -6.16
C TYR B 14 -16.47 4.51 -5.36
C1 DHT C . -0.73 7.89 4.08
C2 DHT C . -0.60 7.64 2.55
C3 DHT C . 0.89 7.28 2.27
O3 DHT C . 1.44 7.84 1.29
C4 DHT C . 1.59 6.32 3.13
C5 DHT C . 1.46 6.68 4.65
C6 DHT C . 2.17 5.65 5.59
C7 DHT C . 2.01 6.09 7.07
C8 DHT C . 0.50 6.20 7.49
C9 DHT C . -0.21 7.21 6.54
C10 DHT C . -0.10 6.82 5.02
C11 DHT C . -1.71 7.35 6.99
C12 DHT C . -1.95 7.71 8.45
C13 DHT C . -1.14 6.81 9.43
C14 DHT C . 0.35 6.69 8.93
C15 DHT C . 0.98 5.84 10.04
C16 DHT C . 0.42 6.52 11.30
C17 DHT C . -0.83 7.33 10.82
O17 DHT C . -1.91 7.13 11.76
C18 DHT C . -1.83 5.39 9.49
C19 DHT C . -0.83 5.42 4.80
#